data_2UYK
#
_entry.id   2UYK
#
_cell.length_a   72.685
_cell.length_b   86.351
_cell.length_c   62.598
_cell.angle_alpha   90.00
_cell.angle_beta   90.00
_cell.angle_gamma   90.00
#
_symmetry.space_group_name_H-M   'P 21 21 2'
#
loop_
_entity.id
_entity.type
_entity.pdbx_description
1 polymer 'PROTEIN TDCF'
2 non-polymer SERINE
3 water water
#
_entity_poly.entity_id   1
_entity_poly.type   'polypeptide(L)'
_entity_poly.pdbx_seq_one_letter_code
;MKKIIETQRAPGAIGPYVQGVDLGSMVFTSGQIPV(OCS)PQTGEIPADVQDQARLSLENVKAIVVAAGLSVGDIIKMTV
FITDLNDFATINEVYKQFFDEHQATYPTRSCVQVARLPKDVKLEIEAIAVRSA
;
_entity_poly.pdbx_strand_id   A,B,C
#
# COMPACT_ATOMS: atom_id res chain seq x y z
N LYS A 2 14.27 -15.39 1.14
CA LYS A 2 12.84 -15.35 0.68
C LYS A 2 12.52 -16.64 -0.09
N LYS A 3 11.24 -16.99 -0.18
CA LYS A 3 10.77 -18.07 -1.04
C LYS A 3 9.62 -17.54 -1.91
N ILE A 4 9.73 -17.77 -3.22
CA ILE A 4 8.64 -17.46 -4.15
C ILE A 4 7.47 -18.43 -3.98
N ILE A 5 6.24 -17.90 -3.98
CA ILE A 5 5.02 -18.71 -3.95
C ILE A 5 4.43 -18.78 -5.38
N GLU A 6 4.18 -20.00 -5.84
CA GLU A 6 3.67 -20.21 -7.19
C GLU A 6 2.59 -21.29 -7.03
N THR A 7 1.38 -20.98 -7.51
CA THR A 7 0.27 -21.92 -7.50
C THR A 7 -0.56 -21.83 -8.77
N GLN A 8 -0.98 -22.97 -9.33
CA GLN A 8 -1.89 -22.92 -10.48
C GLN A 8 -3.34 -22.63 -10.07
N ARG A 9 -3.59 -22.53 -8.77
CA ARG A 9 -4.92 -22.18 -8.24
C ARG A 9 -5.24 -20.67 -8.19
N ALA A 10 -4.25 -19.86 -8.53
CA ALA A 10 -4.45 -18.43 -8.80
C ALA A 10 -3.89 -18.16 -10.20
N PRO A 11 -4.33 -17.09 -10.88
CA PRO A 11 -3.88 -16.85 -12.24
C PRO A 11 -2.34 -16.71 -12.30
N GLY A 12 -1.74 -17.23 -13.38
CA GLY A 12 -0.30 -17.12 -13.55
C GLY A 12 0.09 -15.67 -13.79
N ALA A 13 1.28 -15.28 -13.33
CA ALA A 13 1.77 -13.91 -13.55
C ALA A 13 1.72 -13.53 -15.01
N ILE A 14 1.07 -12.41 -15.36
CA ILE A 14 1.22 -11.91 -16.71
C ILE A 14 2.62 -11.18 -16.72
N GLY A 15 2.70 -9.99 -16.14
CA GLY A 15 3.96 -9.27 -16.11
C GLY A 15 5.07 -9.78 -15.18
N PRO A 16 6.09 -8.94 -14.97
CA PRO A 16 7.31 -9.22 -14.22
C PRO A 16 7.03 -9.11 -12.72
N TYR A 17 6.33 -10.11 -12.19
CA TYR A 17 6.00 -10.22 -10.77
C TYR A 17 5.77 -11.71 -10.45
N VAL A 18 5.87 -12.05 -9.18
CA VAL A 18 5.47 -13.34 -8.66
C VAL A 18 4.20 -13.21 -7.86
N GLN A 19 3.47 -14.30 -7.72
CA GLN A 19 2.18 -14.31 -7.02
C GLN A 19 2.30 -13.94 -5.55
N GLY A 20 3.34 -14.46 -4.90
CA GLY A 20 3.52 -14.24 -3.48
C GLY A 20 4.97 -14.43 -3.13
N VAL A 21 5.35 -13.88 -1.98
CA VAL A 21 6.70 -14.11 -1.42
C VAL A 21 6.53 -14.45 0.07
N ASP A 22 7.26 -15.47 0.52
CA ASP A 22 7.20 -15.94 1.89
C ASP A 22 8.53 -15.60 2.57
N LEU A 23 8.46 -14.71 3.55
CA LEU A 23 9.64 -14.21 4.27
C LEU A 23 9.90 -14.98 5.58
N GLY A 24 9.12 -16.00 5.84
CA GLY A 24 9.17 -16.73 7.11
C GLY A 24 8.11 -16.27 8.09
N SER A 25 8.25 -15.07 8.61
CA SER A 25 7.27 -14.58 9.57
C SER A 25 6.06 -13.99 8.84
N MET A 26 6.26 -13.61 7.59
CA MET A 26 5.27 -12.79 6.88
C MET A 26 5.19 -13.26 5.45
N VAL A 27 3.98 -13.21 4.87
CA VAL A 27 3.77 -13.50 3.47
C VAL A 27 3.08 -12.29 2.83
N PHE A 28 3.60 -11.87 1.68
CA PHE A 28 2.99 -10.81 0.85
C PHE A 28 2.44 -11.43 -0.42
N THR A 29 1.24 -11.00 -0.81
CA THR A 29 0.72 -11.35 -2.13
C THR A 29 0.82 -10.15 -3.08
N SER A 30 0.89 -10.45 -4.37
CA SER A 30 0.60 -9.46 -5.40
C SER A 30 -0.87 -9.08 -5.35
N GLY A 31 -1.22 -7.96 -5.98
CA GLY A 31 -2.60 -7.55 -6.07
C GLY A 31 -3.38 -8.50 -6.93
N GLN A 32 -4.38 -9.13 -6.32
CA GLN A 32 -5.18 -10.15 -7.01
C GLN A 32 -6.40 -9.54 -7.65
N ILE A 33 -6.54 -9.83 -8.94
CA ILE A 33 -7.66 -9.37 -9.74
C ILE A 33 -8.59 -10.55 -10.07
N PRO A 34 -9.85 -10.26 -10.39
CA PRO A 34 -10.85 -11.32 -10.68
C PRO A 34 -10.69 -11.93 -12.07
N VAL A 35 -9.54 -12.57 -12.29
CA VAL A 35 -9.30 -13.38 -13.48
C VAL A 35 -9.36 -14.85 -13.05
N PRO A 37 -8.47 -18.56 -12.80
CA PRO A 37 -7.18 -19.20 -13.00
C PRO A 37 -7.15 -20.30 -14.05
N GLN A 38 -8.30 -20.93 -14.28
CA GLN A 38 -8.36 -22.01 -15.27
C GLN A 38 -8.70 -21.49 -16.69
N THR A 39 -9.55 -20.47 -16.80
CA THR A 39 -10.02 -20.02 -18.12
C THR A 39 -9.55 -18.65 -18.57
N GLY A 40 -9.09 -17.81 -17.62
CA GLY A 40 -8.69 -16.46 -17.97
C GLY A 40 -9.83 -15.46 -17.99
N GLU A 41 -11.06 -15.90 -17.78
CA GLU A 41 -12.20 -15.00 -17.95
C GLU A 41 -12.35 -14.12 -16.72
N ILE A 42 -12.92 -12.93 -16.94
CA ILE A 42 -13.28 -12.04 -15.87
C ILE A 42 -14.81 -12.04 -15.78
N PRO A 43 -15.38 -12.44 -14.65
CA PRO A 43 -16.85 -12.44 -14.52
C PRO A 43 -17.40 -11.01 -14.59
N ALA A 44 -18.57 -10.84 -15.16
CA ALA A 44 -19.08 -9.49 -15.37
C ALA A 44 -19.57 -8.83 -14.10
N ASP A 45 -20.17 -9.63 -13.22
CA ASP A 45 -20.88 -9.12 -12.07
C ASP A 45 -19.95 -8.79 -10.92
N VAL A 46 -20.16 -7.66 -10.26
CA VAL A 46 -19.24 -7.26 -9.23
C VAL A 46 -19.21 -8.25 -8.04
N GLN A 47 -20.34 -8.85 -7.69
CA GLN A 47 -20.34 -9.88 -6.64
C GLN A 47 -19.39 -11.03 -7.00
N ASP A 48 -19.46 -11.47 -8.25
CA ASP A 48 -18.62 -12.56 -8.71
C ASP A 48 -17.16 -12.12 -8.80
N GLN A 49 -16.91 -10.87 -9.20
CA GLN A 49 -15.52 -10.42 -9.21
C GLN A 49 -14.94 -10.37 -7.79
N ALA A 50 -15.72 -9.89 -6.84
CA ALA A 50 -15.27 -9.76 -5.47
C ALA A 50 -14.92 -11.17 -4.93
N ARG A 51 -15.81 -12.13 -5.16
CA ARG A 51 -15.56 -13.51 -4.70
C ARG A 51 -14.27 -14.08 -5.33
N LEU A 52 -14.08 -13.87 -6.62
CA LEU A 52 -12.95 -14.43 -7.33
C LEU A 52 -11.62 -13.81 -6.90
N SER A 53 -11.59 -12.50 -6.73
CA SER A 53 -10.38 -11.86 -6.24
C SER A 53 -9.96 -12.46 -4.92
N LEU A 54 -10.94 -12.62 -4.03
CA LEU A 54 -10.68 -13.17 -2.71
C LEU A 54 -10.21 -14.64 -2.80
N GLU A 55 -10.81 -15.42 -3.69
CA GLU A 55 -10.35 -16.83 -3.86
C GLU A 55 -8.92 -16.88 -4.35
N ASN A 56 -8.55 -15.92 -5.19
CA ASN A 56 -7.18 -15.87 -5.72
C ASN A 56 -6.20 -15.52 -4.59
N VAL A 57 -6.59 -14.59 -3.72
CA VAL A 57 -5.77 -14.32 -2.54
C VAL A 57 -5.62 -15.60 -1.69
N LYS A 58 -6.73 -16.28 -1.46
CA LYS A 58 -6.74 -17.50 -0.65
C LYS A 58 -5.80 -18.55 -1.21
N ALA A 59 -5.81 -18.73 -2.53
CA ALA A 59 -4.97 -19.73 -3.18
C ALA A 59 -3.49 -19.52 -2.87
N ILE A 60 -3.09 -18.25 -2.88
CA ILE A 60 -1.67 -17.92 -2.68
C ILE A 60 -1.28 -18.10 -1.20
N VAL A 61 -2.11 -17.64 -0.27
CA VAL A 61 -1.86 -17.76 1.17
C VAL A 61 -1.81 -19.26 1.54
N VAL A 62 -2.69 -20.04 0.92
CA VAL A 62 -2.73 -21.49 1.17
C VAL A 62 -1.48 -22.16 0.60
N ALA A 63 -1.04 -21.74 -0.59
CA ALA A 63 0.18 -22.29 -1.22
C ALA A 63 1.42 -22.05 -0.35
N ALA A 64 1.38 -21.01 0.47
CA ALA A 64 2.47 -20.69 1.42
C ALA A 64 2.41 -21.49 2.72
N GLY A 65 1.38 -22.32 2.88
CA GLY A 65 1.13 -23.07 4.11
C GLY A 65 0.37 -22.34 5.19
N LEU A 66 -0.32 -21.27 4.82
CA LEU A 66 -1.11 -20.49 5.72
C LEU A 66 -2.59 -20.65 5.32
N SER A 67 -3.46 -19.87 5.94
CA SER A 67 -4.88 -19.91 5.64
C SER A 67 -5.41 -18.48 5.75
N VAL A 68 -6.67 -18.31 5.40
CA VAL A 68 -7.30 -16.97 5.40
C VAL A 68 -7.23 -16.29 6.77
N GLY A 69 -7.34 -17.05 7.86
CA GLY A 69 -7.23 -16.52 9.20
C GLY A 69 -5.88 -15.98 9.60
N ASP A 70 -4.87 -16.20 8.76
CA ASP A 70 -3.52 -15.65 8.97
C ASP A 70 -3.34 -14.26 8.32
N ILE A 71 -4.33 -13.84 7.53
CA ILE A 71 -4.24 -12.53 6.86
C ILE A 71 -4.46 -11.42 7.89
N ILE A 72 -3.58 -10.41 7.89
CA ILE A 72 -3.66 -9.32 8.87
C ILE A 72 -3.89 -7.95 8.23
N LYS A 73 -3.67 -7.84 6.93
CA LYS A 73 -3.94 -6.55 6.24
C LYS A 73 -4.35 -6.84 4.80
N MET A 74 -5.37 -6.11 4.34
CA MET A 74 -5.80 -6.13 2.95
C MET A 74 -5.88 -4.71 2.44
N THR A 75 -5.40 -4.48 1.23
CA THR A 75 -5.69 -3.21 0.56
C THR A 75 -6.60 -3.54 -0.62
N VAL A 76 -7.75 -2.88 -0.68
CA VAL A 76 -8.78 -3.16 -1.68
C VAL A 76 -8.92 -1.92 -2.57
N PHE A 77 -8.36 -2.01 -3.78
CA PHE A 77 -8.49 -0.93 -4.76
C PHE A 77 -9.71 -1.23 -5.61
N ILE A 78 -10.63 -0.29 -5.76
CA ILE A 78 -11.86 -0.53 -6.51
C ILE A 78 -12.10 0.57 -7.52
N THR A 79 -12.94 0.31 -8.53
CA THR A 79 -13.26 1.34 -9.52
C THR A 79 -14.56 2.12 -9.24
N ASP A 80 -15.39 1.67 -8.30
CA ASP A 80 -16.64 2.36 -8.03
C ASP A 80 -17.12 2.09 -6.60
N LEU A 81 -17.04 3.11 -5.75
CA LEU A 81 -17.50 2.98 -4.36
C LEU A 81 -18.99 2.65 -4.25
N ASN A 82 -19.78 2.87 -5.29
CA ASN A 82 -21.18 2.40 -5.26
C ASN A 82 -21.29 0.88 -5.23
N ASP A 83 -20.22 0.17 -5.62
CA ASP A 83 -20.10 -1.28 -5.51
C ASP A 83 -19.78 -1.74 -4.10
N PHE A 84 -19.43 -0.83 -3.21
CA PHE A 84 -18.82 -1.21 -1.95
C PHE A 84 -19.71 -2.07 -1.07
N ALA A 85 -21.00 -1.79 -1.04
CA ALA A 85 -21.89 -2.58 -0.17
C ALA A 85 -21.85 -4.05 -0.59
N THR A 86 -21.91 -4.30 -1.89
CA THR A 86 -21.88 -5.67 -2.41
C THR A 86 -20.53 -6.29 -2.15
N ILE A 87 -19.46 -5.54 -2.43
CA ILE A 87 -18.13 -6.06 -2.22
C ILE A 87 -17.93 -6.41 -0.73
N ASN A 88 -18.37 -5.52 0.14
CA ASN A 88 -18.18 -5.67 1.59
C ASN A 88 -18.93 -6.90 2.08
N GLU A 89 -20.13 -7.15 1.54
CA GLU A 89 -20.90 -8.33 1.96
C GLU A 89 -20.21 -9.63 1.56
N VAL A 90 -19.67 -9.66 0.36
CA VAL A 90 -18.90 -10.82 -0.08
C VAL A 90 -17.65 -11.00 0.77
N TYR A 91 -17.00 -9.90 1.08
CA TYR A 91 -15.75 -9.90 1.89
C TYR A 91 -16.00 -10.39 3.29
N LYS A 92 -17.06 -9.86 3.91
CA LYS A 92 -17.45 -10.32 5.26
C LYS A 92 -17.75 -11.82 5.25
N GLN A 93 -18.54 -12.27 4.27
CA GLN A 93 -18.91 -13.68 4.17
C GLN A 93 -17.68 -14.58 4.00
N PHE A 94 -16.70 -14.12 3.23
CA PHE A 94 -15.45 -14.84 2.99
C PHE A 94 -14.68 -15.07 4.31
N PHE A 95 -14.49 -14.02 5.09
CA PHE A 95 -13.81 -14.16 6.39
C PHE A 95 -14.65 -14.97 7.35
N ASP A 96 -15.95 -14.70 7.38
CA ASP A 96 -16.84 -15.48 8.30
C ASP A 96 -16.85 -16.97 7.94
N GLU A 97 -16.87 -17.32 6.66
CA GLU A 97 -16.84 -18.74 6.25
C GLU A 97 -15.56 -19.47 6.71
N HIS A 98 -14.47 -18.72 6.82
CA HIS A 98 -13.19 -19.27 7.24
C HIS A 98 -12.94 -19.04 8.73
N GLN A 99 -13.98 -18.64 9.45
CA GLN A 99 -13.93 -18.42 10.89
C GLN A 99 -12.71 -17.58 11.24
N ALA A 100 -12.50 -16.52 10.45
CA ALA A 100 -11.29 -15.70 10.46
C ALA A 100 -11.59 -14.30 11.02
N THR A 101 -10.75 -13.83 11.93
CA THR A 101 -10.83 -12.47 12.45
C THR A 101 -10.62 -11.55 11.27
N TYR A 102 -11.35 -10.44 11.25
CA TYR A 102 -11.18 -9.48 10.14
C TYR A 102 -9.80 -8.80 10.20
N PRO A 103 -9.13 -8.70 9.06
CA PRO A 103 -7.85 -7.98 9.03
C PRO A 103 -8.04 -6.46 9.06
N THR A 104 -6.93 -5.72 9.15
CA THR A 104 -6.97 -4.29 8.86
C THR A 104 -7.26 -4.12 7.36
N ARG A 105 -7.73 -2.95 6.94
CA ARG A 105 -8.05 -2.74 5.53
C ARG A 105 -8.00 -1.27 5.19
N SER A 106 -7.62 -1.01 3.94
CA SER A 106 -7.80 0.31 3.30
C SER A 106 -8.57 0.04 2.03
N CYS A 107 -9.50 0.93 1.72
CA CYS A 107 -10.32 0.81 0.52
C CYS A 107 -10.39 2.18 -0.11
N VAL A 108 -10.05 2.23 -1.39
CA VAL A 108 -10.07 3.48 -2.11
C VAL A 108 -10.55 3.23 -3.53
N GLN A 109 -11.18 4.25 -4.14
CA GLN A 109 -11.61 4.15 -5.53
C GLN A 109 -10.54 4.76 -6.43
N VAL A 110 -9.94 3.93 -7.26
CA VAL A 110 -8.94 4.38 -8.23
C VAL A 110 -9.60 4.67 -9.56
N ALA A 111 -8.83 5.14 -10.54
CA ALA A 111 -9.36 5.42 -11.89
C ALA A 111 -9.63 4.18 -12.72
N ARG A 112 -8.72 3.23 -12.68
CA ARG A 112 -8.79 2.05 -13.54
C ARG A 112 -7.82 1.02 -13.00
N LEU A 113 -8.04 -0.24 -13.34
CA LEU A 113 -7.20 -1.33 -12.93
C LEU A 113 -6.79 -2.19 -14.14
N PRO A 114 -5.72 -2.98 -13.96
CA PRO A 114 -5.33 -3.93 -15.00
C PRO A 114 -6.50 -4.77 -15.47
N LYS A 115 -6.57 -4.94 -16.77
CA LYS A 115 -7.61 -5.72 -17.42
C LYS A 115 -9.01 -5.21 -17.15
N ASP A 116 -9.16 -3.94 -16.78
CA ASP A 116 -10.47 -3.32 -16.57
C ASP A 116 -11.33 -4.02 -15.55
N VAL A 117 -10.69 -4.63 -14.57
CA VAL A 117 -11.42 -5.25 -13.46
C VAL A 117 -11.97 -4.20 -12.47
N LYS A 118 -12.96 -4.59 -11.68
CA LYS A 118 -13.61 -3.70 -10.72
C LYS A 118 -12.88 -3.59 -9.37
N LEU A 119 -11.98 -4.51 -9.09
CA LEU A 119 -11.18 -4.49 -7.85
C LEU A 119 -9.90 -5.26 -7.98
N GLU A 120 -8.96 -4.92 -7.10
CA GLU A 120 -7.67 -5.58 -6.95
C GLU A 120 -7.33 -5.62 -5.47
N ILE A 121 -7.00 -6.80 -4.95
CA ILE A 121 -6.83 -6.97 -3.49
C ILE A 121 -5.46 -7.55 -3.22
N GLU A 122 -4.66 -6.82 -2.44
CA GLU A 122 -3.37 -7.31 -1.97
C GLU A 122 -3.47 -7.65 -0.49
N ALA A 123 -2.85 -8.75 -0.10
CA ALA A 123 -2.88 -9.20 1.30
C ALA A 123 -1.49 -9.32 1.89
N ILE A 124 -1.44 -9.20 3.21
CA ILE A 124 -0.24 -9.52 4.01
C ILE A 124 -0.73 -10.47 5.10
N ALA A 125 -0.02 -11.58 5.24
CA ALA A 125 -0.35 -12.61 6.24
C ALA A 125 0.87 -12.86 7.10
N VAL A 126 0.61 -13.36 8.30
CA VAL A 126 1.68 -13.68 9.24
C VAL A 126 1.58 -15.15 9.63
N ARG A 127 2.75 -15.76 9.81
CA ARG A 127 2.85 -17.15 10.25
C ARG A 127 2.93 -17.10 11.78
N SER A 128 1.89 -17.60 12.42
CA SER A 128 1.85 -17.78 13.90
C SER A 128 2.35 -19.19 14.20
N LYS B 2 -0.45 -12.37 17.16
CA LYS B 2 -1.22 -11.22 16.60
C LYS B 2 -2.45 -10.92 17.47
N LYS B 3 -2.74 -9.63 17.58
CA LYS B 3 -3.76 -9.11 18.48
C LYS B 3 -4.44 -7.90 17.85
N ILE B 4 -5.77 -7.90 17.90
CA ILE B 4 -6.60 -6.79 17.43
C ILE B 4 -6.42 -5.57 18.33
N ILE B 5 -6.35 -4.39 17.70
CA ILE B 5 -6.37 -3.13 18.43
C ILE B 5 -7.77 -2.53 18.34
N GLU B 6 -8.31 -2.12 19.49
CA GLU B 6 -9.63 -1.49 19.58
C GLU B 6 -9.51 -0.28 20.51
N THR B 7 -10.02 0.86 20.06
CA THR B 7 -10.02 2.08 20.84
C THR B 7 -11.24 2.93 20.52
N GLN B 8 -11.79 3.56 21.57
CA GLN B 8 -12.89 4.49 21.40
C GLN B 8 -12.43 5.87 20.92
N ARG B 9 -11.11 6.04 20.82
CA ARG B 9 -10.55 7.34 20.49
C ARG B 9 -10.31 7.49 18.97
N ALA B 10 -10.64 6.44 18.22
CA ALA B 10 -10.83 6.48 16.77
C ALA B 10 -12.20 5.93 16.39
N PRO B 11 -12.70 6.27 15.19
CA PRO B 11 -14.04 5.79 14.84
C PRO B 11 -14.08 4.27 14.88
N GLY B 12 -15.16 3.75 15.46
CA GLY B 12 -15.26 2.32 15.66
C GLY B 12 -15.39 1.59 14.36
N ALA B 13 -14.87 0.37 14.31
CA ALA B 13 -14.98 -0.45 13.14
C ALA B 13 -16.44 -0.91 13.07
N ILE B 14 -17.10 -0.59 11.98
CA ILE B 14 -18.45 -1.08 11.76
C ILE B 14 -18.37 -1.82 10.44
N GLY B 15 -18.27 -3.14 10.53
CA GLY B 15 -18.07 -3.95 9.35
C GLY B 15 -16.91 -4.94 9.48
N PRO B 16 -16.54 -5.57 8.35
CA PRO B 16 -15.54 -6.63 8.36
C PRO B 16 -14.06 -6.15 8.31
N TYR B 17 -13.64 -5.25 9.24
CA TYR B 17 -12.27 -4.95 9.46
C TYR B 17 -12.08 -4.58 10.93
N VAL B 18 -10.84 -4.47 11.34
CA VAL B 18 -10.49 -3.99 12.66
C VAL B 18 -9.65 -2.73 12.50
N GLN B 19 -9.64 -1.90 13.54
CA GLN B 19 -8.87 -0.62 13.48
C GLN B 19 -7.38 -0.81 13.26
N GLY B 20 -6.81 -1.82 13.93
CA GLY B 20 -5.38 -2.11 13.82
C GLY B 20 -5.09 -3.52 14.27
N VAL B 21 -3.90 -3.98 13.93
CA VAL B 21 -3.41 -5.29 14.37
C VAL B 21 -1.99 -5.09 14.88
N ASP B 22 -1.72 -5.71 16.03
CA ASP B 22 -0.39 -5.64 16.66
C ASP B 22 0.29 -7.00 16.52
N LEU B 23 1.40 -7.05 15.79
CA LEU B 23 2.08 -8.31 15.50
C LEU B 23 3.23 -8.52 16.48
N GLY B 24 3.40 -7.60 17.43
CA GLY B 24 4.54 -7.63 18.35
C GLY B 24 5.67 -6.73 17.89
N SER B 25 6.24 -7.03 16.76
CA SER B 25 7.35 -6.24 16.24
C SER B 25 6.84 -4.99 15.50
N MET B 26 5.64 -5.11 14.96
CA MET B 26 5.02 -4.05 14.15
C MET B 26 3.51 -4.00 14.30
N VAL B 27 2.97 -2.80 14.07
CA VAL B 27 1.54 -2.52 14.15
C VAL B 27 1.09 -1.95 12.80
N PHE B 28 0.01 -2.50 12.26
CA PHE B 28 -0.64 -2.00 11.04
C PHE B 28 -1.95 -1.33 11.42
N THR B 29 -2.24 -0.16 10.86
CA THR B 29 -3.59 0.39 11.00
C THR B 29 -4.41 0.18 9.71
N SER B 30 -5.72 0.16 9.85
CA SER B 30 -6.62 0.38 8.72
C SER B 30 -6.46 1.80 8.22
N GLY B 31 -6.87 2.06 6.99
CA GLY B 31 -6.90 3.42 6.52
C GLY B 31 -7.87 4.27 7.29
N GLN B 32 -7.38 5.39 7.82
CA GLN B 32 -8.19 6.27 8.68
C GLN B 32 -8.72 7.46 7.89
N ILE B 33 -10.02 7.62 7.95
CA ILE B 33 -10.69 8.77 7.34
C ILE B 33 -11.06 9.79 8.40
N PRO B 34 -11.28 11.06 8.01
CA PRO B 34 -11.56 12.14 8.95
C PRO B 34 -12.99 12.18 9.44
N VAL B 35 -13.38 11.09 10.09
CA VAL B 35 -14.63 11.03 10.83
C VAL B 35 -14.30 11.28 12.31
N PRO B 37 -14.64 10.77 16.12
CA PRO B 37 -15.17 9.64 16.87
C PRO B 37 -16.26 9.98 17.84
N GLN B 38 -16.37 11.25 18.22
CA GLN B 38 -17.40 11.68 19.16
C GLN B 38 -18.71 12.04 18.44
N THR B 39 -18.65 12.32 17.14
CA THR B 39 -19.83 12.77 16.38
C THR B 39 -20.22 11.99 15.12
N GLY B 40 -19.33 11.17 14.59
CA GLY B 40 -19.57 10.44 13.35
C GLY B 40 -19.67 11.36 12.16
N GLU B 41 -19.23 12.59 12.35
CA GLU B 41 -19.20 13.62 11.30
C GLU B 41 -17.82 14.00 10.81
N ILE B 42 -17.85 14.56 9.60
CA ILE B 42 -16.64 14.92 8.84
C ILE B 42 -16.50 16.44 8.76
N PRO B 43 -15.37 16.99 9.24
CA PRO B 43 -15.20 18.42 9.05
C PRO B 43 -15.02 18.78 7.57
N ALA B 44 -15.58 19.90 7.14
CA ALA B 44 -15.55 20.29 5.71
C ALA B 44 -14.14 20.70 5.25
N ASP B 45 -13.39 21.35 6.14
CA ASP B 45 -12.11 21.98 5.77
C ASP B 45 -10.99 20.95 5.68
N VAL B 46 -10.22 20.99 4.61
CA VAL B 46 -9.16 19.99 4.42
C VAL B 46 -8.07 20.02 5.54
N GLN B 47 -7.78 21.20 6.11
CA GLN B 47 -6.86 21.25 7.24
C GLN B 47 -7.37 20.45 8.42
N ASP B 48 -8.67 20.58 8.69
CA ASP B 48 -9.27 19.88 9.80
C ASP B 48 -9.32 18.39 9.47
N GLN B 49 -9.61 18.04 8.23
CA GLN B 49 -9.62 16.59 7.85
C GLN B 49 -8.24 15.98 8.01
N ALA B 50 -7.21 16.69 7.59
CA ALA B 50 -5.84 16.18 7.69
C ALA B 50 -5.48 15.91 9.15
N ARG B 51 -5.76 16.88 10.01
CA ARG B 51 -5.45 16.72 11.42
C ARG B 51 -6.23 15.54 12.06
N LEU B 52 -7.51 15.42 11.72
CA LEU B 52 -8.34 14.38 12.29
C LEU B 52 -7.94 12.96 11.81
N SER B 53 -7.62 12.80 10.54
CA SER B 53 -7.12 11.51 10.07
C SER B 53 -5.86 11.12 10.85
N LEU B 54 -4.94 12.08 11.03
CA LEU B 54 -3.72 11.83 11.80
C LEU B 54 -4.04 11.48 13.28
N GLU B 55 -4.99 12.19 13.87
CA GLU B 55 -5.42 11.89 15.25
C GLU B 55 -6.01 10.52 15.37
N ASN B 56 -6.79 10.12 14.36
CA ASN B 56 -7.32 8.76 14.34
C ASN B 56 -6.25 7.69 14.22
N VAL B 57 -5.27 7.90 13.33
CA VAL B 57 -4.11 7.01 13.30
C VAL B 57 -3.39 6.98 14.67
N LYS B 58 -3.07 8.16 15.20
CA LYS B 58 -2.41 8.23 16.51
C LYS B 58 -3.16 7.40 17.59
N ALA B 59 -4.48 7.54 17.66
CA ALA B 59 -5.29 6.84 18.69
C ALA B 59 -5.03 5.33 18.62
N ILE B 60 -4.95 4.80 17.40
CA ILE B 60 -4.74 3.36 17.20
C ILE B 60 -3.32 2.96 17.59
N VAL B 61 -2.33 3.75 17.19
CA VAL B 61 -0.93 3.45 17.52
C VAL B 61 -0.72 3.50 19.06
N VAL B 62 -1.33 4.50 19.67
CA VAL B 62 -1.26 4.67 21.14
C VAL B 62 -1.97 3.54 21.87
N ALA B 63 -3.12 3.09 21.35
CA ALA B 63 -3.84 1.97 21.96
C ALA B 63 -3.00 0.71 21.97
N ALA B 64 -2.09 0.57 21.00
CA ALA B 64 -1.14 -0.54 20.96
C ALA B 64 0.07 -0.37 21.90
N GLY B 65 0.17 0.75 22.62
CA GLY B 65 1.33 1.08 23.45
C GLY B 65 2.53 1.68 22.75
N LEU B 66 2.30 2.21 21.55
CA LEU B 66 3.33 2.88 20.78
C LEU B 66 3.06 4.38 20.74
N SER B 67 3.94 5.11 20.08
CA SER B 67 3.85 6.56 20.00
C SER B 67 3.89 7.00 18.52
N VAL B 68 3.59 8.27 18.28
CA VAL B 68 3.67 8.81 16.91
C VAL B 68 5.09 8.62 16.32
N GLY B 69 6.11 8.75 17.16
CA GLY B 69 7.49 8.56 16.76
C GLY B 69 7.84 7.16 16.33
N ASP B 70 6.95 6.18 16.57
CA ASP B 70 7.18 4.81 16.16
C ASP B 70 6.64 4.52 14.75
N ILE B 71 5.94 5.49 14.17
CA ILE B 71 5.35 5.30 12.82
C ILE B 71 6.48 5.39 11.83
N ILE B 72 6.58 4.39 10.95
CA ILE B 72 7.71 4.33 10.00
C ILE B 72 7.26 4.36 8.54
N LYS B 73 5.98 4.16 8.27
CA LYS B 73 5.46 4.31 6.90
C LYS B 73 4.02 4.76 6.96
N MET B 74 3.65 5.72 6.10
CA MET B 74 2.23 6.04 5.89
C MET B 74 1.96 6.07 4.41
N THR B 75 0.72 5.79 4.07
CA THR B 75 0.23 6.04 2.71
C THR B 75 -0.91 6.99 2.83
N VAL B 76 -0.84 8.07 2.05
CA VAL B 76 -1.79 9.16 2.12
C VAL B 76 -2.51 9.18 0.76
N PHE B 77 -3.75 8.74 0.75
CA PHE B 77 -4.60 8.79 -0.43
C PHE B 77 -5.41 10.06 -0.38
N ILE B 78 -5.42 10.83 -1.45
CA ILE B 78 -6.15 12.09 -1.43
C ILE B 78 -7.03 12.21 -2.66
N THR B 79 -8.04 13.06 -2.63
CA THR B 79 -8.85 13.25 -3.82
C THR B 79 -8.50 14.47 -4.67
N ASP B 80 -7.67 15.36 -4.18
CA ASP B 80 -7.30 16.55 -4.95
C ASP B 80 -5.90 17.03 -4.58
N LEU B 81 -4.93 16.85 -5.47
CA LEU B 81 -3.55 17.26 -5.23
C LEU B 81 -3.43 18.77 -5.07
N ASN B 82 -4.43 19.54 -5.47
CA ASN B 82 -4.41 20.95 -5.12
C ASN B 82 -4.48 21.19 -3.58
N ASP B 83 -5.00 20.22 -2.82
CA ASP B 83 -4.98 20.21 -1.33
C ASP B 83 -3.62 19.80 -0.73
N PHE B 84 -2.68 19.35 -1.56
CA PHE B 84 -1.49 18.68 -1.05
C PHE B 84 -0.59 19.58 -0.18
N ALA B 85 -0.42 20.83 -0.60
CA ALA B 85 0.47 21.71 0.15
C ALA B 85 -0.09 21.92 1.58
N THR B 86 -1.40 22.07 1.66
CA THR B 86 -2.09 22.30 2.93
C THR B 86 -2.04 21.04 3.78
N ILE B 87 -2.34 19.90 3.17
CA ILE B 87 -2.24 18.62 3.90
C ILE B 87 -0.79 18.44 4.42
N ASN B 88 0.21 18.71 3.57
CA ASN B 88 1.63 18.56 3.96
C ASN B 88 1.99 19.42 5.16
N GLU B 89 1.48 20.65 5.17
CA GLU B 89 1.78 21.53 6.26
C GLU B 89 1.21 21.02 7.59
N VAL B 90 -0.04 20.53 7.56
CA VAL B 90 -0.63 19.97 8.75
C VAL B 90 0.12 18.71 9.22
N TYR B 91 0.46 17.87 8.26
CA TYR B 91 1.16 16.62 8.51
C TYR B 91 2.54 16.90 9.12
N LYS B 92 3.29 17.85 8.53
CA LYS B 92 4.63 18.23 9.05
C LYS B 92 4.50 18.72 10.48
N GLN B 93 3.53 19.61 10.73
CA GLN B 93 3.39 20.16 12.10
C GLN B 93 2.99 19.04 13.11
N PHE B 94 2.14 18.10 12.68
CA PHE B 94 1.74 16.96 13.51
C PHE B 94 2.96 16.18 13.98
N PHE B 95 3.84 15.83 13.06
CA PHE B 95 5.04 15.07 13.45
C PHE B 95 5.98 15.92 14.26
N ASP B 96 6.12 17.18 13.87
CA ASP B 96 7.03 18.11 14.62
C ASP B 96 6.57 18.27 16.08
N GLU B 97 5.26 18.37 16.28
CA GLU B 97 4.69 18.52 17.63
C GLU B 97 4.91 17.31 18.55
N HIS B 98 5.13 16.14 17.95
CA HIS B 98 5.39 14.94 18.70
C HIS B 98 6.89 14.62 18.75
N GLN B 99 7.74 15.55 18.33
CA GLN B 99 9.19 15.35 18.23
C GLN B 99 9.52 14.05 17.52
N ALA B 100 8.77 13.78 16.44
CA ALA B 100 8.93 12.54 15.70
C ALA B 100 9.62 12.75 14.35
N THR B 101 10.50 11.82 14.04
CA THR B 101 11.15 11.73 12.74
C THR B 101 10.05 11.44 11.72
N TYR B 102 10.13 12.04 10.54
CA TYR B 102 9.09 11.78 9.55
C TYR B 102 9.16 10.34 9.04
N PRO B 103 7.99 9.68 8.90
CA PRO B 103 8.05 8.33 8.30
C PRO B 103 8.31 8.34 6.80
N THR B 104 8.52 7.15 6.23
CA THR B 104 8.43 7.03 4.77
C THR B 104 6.98 7.27 4.36
N ARG B 105 6.78 7.69 3.11
CA ARG B 105 5.42 8.00 2.68
C ARG B 105 5.23 7.78 1.19
N SER B 106 4.00 7.38 0.83
CA SER B 106 3.55 7.44 -0.55
C SER B 106 2.28 8.28 -0.55
N CYS B 107 2.11 9.06 -1.61
CA CYS B 107 0.98 9.98 -1.70
C CYS B 107 0.50 9.94 -3.14
N VAL B 108 -0.79 9.69 -3.32
CA VAL B 108 -1.39 9.57 -4.64
C VAL B 108 -2.77 10.18 -4.63
N GLN B 109 -3.22 10.69 -5.77
CA GLN B 109 -4.59 11.20 -5.88
C GLN B 109 -5.47 10.11 -6.45
N VAL B 110 -6.42 9.65 -5.64
CA VAL B 110 -7.35 8.64 -6.08
C VAL B 110 -8.58 9.33 -6.64
N ALA B 111 -9.54 8.57 -7.15
CA ALA B 111 -10.78 9.15 -7.67
C ALA B 111 -11.78 9.54 -6.57
N ARG B 112 -11.96 8.66 -5.59
CA ARG B 112 -12.99 8.85 -4.58
C ARG B 112 -12.63 8.06 -3.34
N LEU B 113 -13.08 8.56 -2.18
CA LEU B 113 -12.82 7.91 -0.90
C LEU B 113 -14.14 7.68 -0.15
N PRO B 114 -14.13 6.71 0.78
CA PRO B 114 -15.32 6.47 1.62
C PRO B 114 -15.88 7.78 2.18
N LYS B 115 -17.20 7.89 2.15
CA LYS B 115 -17.92 9.05 2.66
C LYS B 115 -17.51 10.37 2.01
N ASP B 116 -16.86 10.31 0.85
CA ASP B 116 -16.41 11.49 0.15
C ASP B 116 -15.48 12.39 0.95
N VAL B 117 -14.72 11.79 1.84
CA VAL B 117 -13.66 12.50 2.51
C VAL B 117 -12.54 12.89 1.51
N LYS B 118 -11.70 13.83 1.94
CA LYS B 118 -10.65 14.33 1.08
C LYS B 118 -9.32 13.58 1.19
N LEU B 119 -9.17 12.76 2.23
CA LEU B 119 -7.99 11.94 2.41
C LEU B 119 -8.26 10.74 3.29
N GLU B 120 -7.38 9.75 3.15
CA GLU B 120 -7.40 8.53 3.97
C GLU B 120 -5.96 8.16 4.22
N ILE B 121 -5.60 7.86 5.47
CA ILE B 121 -4.19 7.63 5.82
C ILE B 121 -4.07 6.31 6.54
N GLU B 122 -3.21 5.43 6.05
CA GLU B 122 -2.86 4.18 6.75
C GLU B 122 -1.43 4.24 7.23
N ALA B 123 -1.14 3.54 8.32
CA ALA B 123 0.17 3.62 8.92
C ALA B 123 0.70 2.24 9.29
N ILE B 124 2.02 2.17 9.35
CA ILE B 124 2.75 1.01 9.89
C ILE B 124 3.70 1.60 10.95
N ALA B 125 3.67 1.04 12.15
CA ALA B 125 4.54 1.46 13.24
C ALA B 125 5.37 0.29 13.71
N VAL B 126 6.53 0.59 14.30
CA VAL B 126 7.36 -0.51 14.85
C VAL B 126 7.63 -0.34 16.32
N ARG B 127 7.73 -1.47 17.00
CA ARG B 127 8.04 -1.50 18.41
C ARG B 127 9.54 -1.62 18.53
N SER B 128 10.14 -0.52 18.96
CA SER B 128 11.58 -0.38 19.24
C SER B 128 11.92 -0.72 20.69
N LYS C 2 15.59 1.44 13.56
CA LYS C 2 14.69 2.50 12.99
C LYS C 2 15.56 3.59 12.30
N LYS C 3 16.52 3.14 11.49
CA LYS C 3 17.51 3.99 10.91
C LYS C 3 16.95 4.68 9.67
N ILE C 4 17.12 5.99 9.58
CA ILE C 4 16.73 6.73 8.38
C ILE C 4 17.74 6.49 7.28
N ILE C 5 17.24 6.35 6.06
CA ILE C 5 18.10 6.22 4.88
C ILE C 5 18.09 7.55 4.17
N GLU C 6 19.28 8.05 3.86
CA GLU C 6 19.45 9.30 3.16
C GLU C 6 20.54 9.11 2.10
N THR C 7 20.21 9.38 0.85
CA THR C 7 21.14 9.24 -0.27
C THR C 7 20.98 10.39 -1.26
N GLN C 8 22.09 10.84 -1.85
CA GLN C 8 22.05 11.84 -2.91
C GLN C 8 21.70 11.25 -4.28
N ARG C 9 21.63 9.93 -4.38
CA ARG C 9 21.31 9.25 -5.64
C ARG C 9 19.80 9.05 -5.87
N ALA C 10 18.99 9.53 -4.93
CA ALA C 10 17.55 9.72 -5.12
C ALA C 10 17.20 11.16 -4.73
N PRO C 11 16.12 11.72 -5.29
CA PRO C 11 15.77 13.10 -5.00
C PRO C 11 15.64 13.35 -3.51
N GLY C 12 16.16 14.47 -3.04
CA GLY C 12 16.02 14.83 -1.63
C GLY C 12 14.54 14.98 -1.29
N ALA C 13 14.15 14.72 -0.04
CA ALA C 13 12.73 14.85 0.34
C ALA C 13 12.18 16.27 0.18
N ILE C 14 11.18 16.43 -0.69
CA ILE C 14 10.41 17.67 -0.75
C ILE C 14 9.73 17.77 0.64
N GLY C 15 8.52 17.24 0.77
CA GLY C 15 7.77 17.37 2.03
C GLY C 15 8.29 16.56 3.26
N PRO C 16 7.43 16.42 4.32
CA PRO C 16 7.69 15.84 5.66
C PRO C 16 7.72 14.29 5.61
N TYR C 17 8.79 13.78 5.00
CA TYR C 17 9.01 12.35 4.83
C TYR C 17 10.49 12.11 4.70
N VAL C 18 10.92 10.87 4.95
CA VAL C 18 12.31 10.48 4.65
C VAL C 18 12.28 9.51 3.47
N GLN C 19 13.41 9.40 2.78
CA GLN C 19 13.50 8.55 1.59
C GLN C 19 13.27 7.06 1.90
N GLY C 20 13.84 6.59 3.00
CA GLY C 20 13.72 5.20 3.40
C GLY C 20 13.90 5.06 4.90
N VAL C 21 13.45 3.92 5.43
CA VAL C 21 13.67 3.55 6.83
C VAL C 21 14.11 2.11 6.85
N ASP C 22 15.17 1.84 7.64
CA ASP C 22 15.74 0.51 7.80
C ASP C 22 15.45 0.01 9.19
N LEU C 23 14.61 -1.02 9.25
CA LEU C 23 14.16 -1.63 10.49
C LEU C 23 15.02 -2.82 10.89
N GLY C 24 16.08 -3.11 10.11
CA GLY C 24 16.96 -4.26 10.37
C GLY C 24 16.56 -5.50 9.60
N SER C 25 15.35 -6.00 9.79
CA SER C 25 14.84 -7.14 9.04
C SER C 25 14.29 -6.69 7.67
N MET C 26 13.92 -5.44 7.58
CA MET C 26 13.26 -4.99 6.35
C MET C 26 13.40 -3.48 6.18
N VAL C 27 13.36 -3.06 4.93
CA VAL C 27 13.54 -1.67 4.54
C VAL C 27 12.30 -1.20 3.77
N PHE C 28 11.73 -0.05 4.12
CA PHE C 28 10.64 0.55 3.37
C PHE C 28 11.17 1.77 2.65
N THR C 29 10.75 1.96 1.39
CA THR C 29 11.02 3.26 0.72
C THR C 29 9.75 4.13 0.67
N SER C 30 9.96 5.43 0.55
CA SER C 30 8.88 6.31 0.14
C SER C 30 8.57 6.03 -1.32
N GLY C 31 7.41 6.48 -1.76
CA GLY C 31 7.03 6.34 -3.19
C GLY C 31 7.92 7.25 -4.02
N GLN C 32 8.64 6.68 -4.98
CA GLN C 32 9.56 7.43 -5.80
C GLN C 32 8.95 7.82 -7.13
N ILE C 33 9.13 9.09 -7.45
CA ILE C 33 8.69 9.64 -8.70
C ILE C 33 9.88 9.89 -9.62
N PRO C 34 9.63 10.00 -10.92
CA PRO C 34 10.71 10.19 -11.92
C PRO C 34 11.28 11.62 -11.96
N VAL C 35 11.91 12.01 -10.86
CA VAL C 35 12.60 13.29 -10.73
C VAL C 35 14.09 12.97 -10.65
N PRO C 37 17.73 13.19 -9.54
CA PRO C 37 18.28 13.61 -8.26
C PRO C 37 19.26 14.77 -8.36
N GLN C 38 19.97 14.85 -9.48
CA GLN C 38 20.94 15.92 -9.79
C GLN C 38 20.28 17.23 -10.25
N THR C 39 19.43 17.12 -11.27
CA THR C 39 18.88 18.28 -11.98
C THR C 39 17.45 18.69 -11.57
N GLY C 40 16.72 17.79 -10.91
CA GLY C 40 15.34 18.06 -10.52
C GLY C 40 14.38 17.92 -11.69
N GLU C 41 14.90 17.57 -12.86
CA GLU C 41 14.09 17.52 -14.05
C GLU C 41 13.34 16.19 -14.15
N ILE C 42 12.17 16.25 -14.77
CA ILE C 42 11.33 15.10 -15.02
C ILE C 42 11.41 14.78 -16.52
N PRO C 43 11.93 13.60 -16.90
CA PRO C 43 11.96 13.23 -18.33
C PRO C 43 10.56 13.11 -18.97
N ALA C 44 10.47 13.45 -20.26
CA ALA C 44 9.18 13.53 -20.91
C ALA C 44 8.57 12.19 -21.28
N ASP C 45 9.41 11.22 -21.68
CA ASP C 45 8.92 9.92 -22.17
C ASP C 45 8.71 8.95 -20.99
N VAL C 46 7.64 8.16 -21.07
CA VAL C 46 7.32 7.27 -19.98
C VAL C 46 8.34 6.17 -19.78
N GLN C 47 9.02 5.74 -20.85
CA GLN C 47 10.09 4.73 -20.74
C GLN C 47 11.20 5.25 -19.78
N ASP C 48 11.55 6.52 -19.96
CA ASP C 48 12.56 7.20 -19.18
C ASP C 48 12.08 7.46 -17.77
N GLN C 49 10.81 7.83 -17.62
CA GLN C 49 10.24 8.00 -16.26
C GLN C 49 10.26 6.69 -15.48
N ALA C 50 9.87 5.60 -16.14
CA ALA C 50 9.82 4.29 -15.48
C ALA C 50 11.23 3.91 -15.02
N ARG C 51 12.21 4.06 -15.91
CA ARG C 51 13.59 3.72 -15.52
C ARG C 51 14.07 4.58 -14.34
N LEU C 52 13.82 5.88 -14.38
CA LEU C 52 14.27 6.80 -13.34
C LEU C 52 13.59 6.52 -11.98
N SER C 53 12.29 6.24 -11.99
CA SER C 53 11.62 5.89 -10.73
C SER C 53 12.27 4.64 -10.13
N LEU C 54 12.54 3.65 -10.96
CA LEU C 54 13.20 2.42 -10.50
C LEU C 54 14.63 2.72 -10.00
N GLU C 55 15.39 3.56 -10.69
CA GLU C 55 16.74 3.92 -10.20
C GLU C 55 16.68 4.64 -8.86
N ASN C 56 15.68 5.49 -8.67
CA ASN C 56 15.46 6.17 -7.42
C ASN C 56 15.16 5.19 -6.27
N VAL C 57 14.30 4.19 -6.54
CA VAL C 57 14.06 3.12 -5.56
C VAL C 57 15.37 2.41 -5.25
N LYS C 58 16.06 1.97 -6.30
CA LYS C 58 17.32 1.24 -6.15
C LYS C 58 18.30 2.02 -5.28
N ALA C 59 18.44 3.33 -5.54
CA ALA C 59 19.40 4.15 -4.77
C ALA C 59 19.17 4.02 -3.26
N ILE C 60 17.90 4.01 -2.86
CA ILE C 60 17.54 3.99 -1.45
C ILE C 60 17.82 2.60 -0.87
N VAL C 61 17.44 1.56 -1.62
CA VAL C 61 17.68 0.17 -1.21
C VAL C 61 19.19 -0.08 -1.08
N VAL C 62 19.99 0.36 -2.05
CA VAL C 62 21.44 0.19 -2.04
C VAL C 62 22.06 1.03 -0.91
N ALA C 63 21.49 2.22 -0.64
CA ALA C 63 21.96 3.05 0.48
C ALA C 63 21.81 2.34 1.81
N ALA C 64 20.79 1.47 1.92
CA ALA C 64 20.58 0.67 3.14
C ALA C 64 21.47 -0.56 3.20
N GLY C 65 22.24 -0.80 2.14
CA GLY C 65 23.12 -1.98 2.10
C GLY C 65 22.47 -3.22 1.54
N LEU C 66 21.40 -3.04 0.79
CA LEU C 66 20.69 -4.14 0.17
C LEU C 66 20.79 -4.06 -1.35
N SER C 67 20.33 -5.12 -2.00
CA SER C 67 20.38 -5.22 -3.45
C SER C 67 18.99 -5.19 -4.08
N VAL C 68 18.96 -4.97 -5.38
CA VAL C 68 17.67 -5.02 -6.10
C VAL C 68 16.96 -6.38 -5.82
N GLY C 69 17.71 -7.46 -5.73
CA GLY C 69 17.17 -8.78 -5.48
C GLY C 69 16.60 -9.00 -4.11
N ASP C 70 16.79 -8.04 -3.21
CA ASP C 70 16.21 -8.08 -1.89
C ASP C 70 14.83 -7.40 -1.85
N ILE C 71 14.45 -6.77 -2.95
CA ILE C 71 13.12 -6.16 -3.03
C ILE C 71 12.08 -7.27 -3.13
N ILE C 72 11.11 -7.25 -2.23
CA ILE C 72 10.11 -8.32 -2.21
C ILE C 72 8.69 -7.86 -2.51
N LYS C 73 8.45 -6.55 -2.50
CA LYS C 73 7.11 -6.01 -2.84
C LYS C 73 7.29 -4.62 -3.41
N MET C 74 6.56 -4.33 -4.48
CA MET C 74 6.47 -2.97 -4.99
C MET C 74 5.01 -2.63 -5.21
N THR C 75 4.68 -1.36 -5.17
CA THR C 75 3.42 -0.88 -5.71
C THR C 75 3.74 0.14 -6.78
N VAL C 76 3.13 -0.01 -7.95
CA VAL C 76 3.32 0.87 -9.08
C VAL C 76 1.99 1.58 -9.31
N PHE C 77 1.97 2.87 -9.01
CA PHE C 77 0.81 3.74 -9.24
C PHE C 77 1.10 4.45 -10.56
N ILE C 78 0.18 4.37 -11.51
CA ILE C 78 0.36 4.99 -12.82
C ILE C 78 -0.86 5.88 -13.13
N THR C 79 -0.70 6.80 -14.07
CA THR C 79 -1.83 7.68 -14.48
C THR C 79 -2.52 7.27 -15.80
N ASP C 80 -1.93 6.32 -16.53
CA ASP C 80 -2.45 5.92 -17.84
C ASP C 80 -2.10 4.48 -18.19
N LEU C 81 -3.09 3.61 -18.18
CA LEU C 81 -2.88 2.21 -18.52
C LEU C 81 -2.40 1.98 -19.94
N ASN C 82 -2.54 2.96 -20.84
CA ASN C 82 -1.90 2.86 -22.15
C ASN C 82 -0.37 2.79 -22.06
N ASP C 83 0.18 3.27 -20.93
CA ASP C 83 1.64 3.25 -20.67
C ASP C 83 2.12 1.93 -20.07
N PHE C 84 1.20 1.04 -19.73
CA PHE C 84 1.48 -0.16 -18.90
C PHE C 84 2.46 -1.11 -19.59
N ALA C 85 2.27 -1.36 -20.89
CA ALA C 85 3.19 -2.28 -21.57
C ALA C 85 4.63 -1.76 -21.56
N THR C 86 4.78 -0.46 -21.81
CA THR C 86 6.09 0.18 -21.82
C THR C 86 6.72 0.13 -20.44
N ILE C 87 5.92 0.51 -19.43
CA ILE C 87 6.41 0.41 -18.04
C ILE C 87 6.84 -1.00 -17.64
N ASN C 88 6.03 -2.00 -18.00
CA ASN C 88 6.33 -3.41 -17.70
C ASN C 88 7.62 -3.85 -18.36
N GLU C 89 7.84 -3.42 -19.59
CA GLU C 89 9.09 -3.73 -20.33
C GLU C 89 10.32 -3.20 -19.58
N VAL C 90 10.26 -1.95 -19.16
CA VAL C 90 11.39 -1.31 -18.47
C VAL C 90 11.61 -2.02 -17.14
N TYR C 91 10.51 -2.28 -16.46
CA TYR C 91 10.53 -2.87 -15.11
C TYR C 91 11.15 -4.26 -15.20
N LYS C 92 10.67 -5.04 -16.15
CA LYS C 92 11.21 -6.41 -16.37
C LYS C 92 12.72 -6.33 -16.64
N GLN C 93 13.12 -5.46 -17.56
CA GLN C 93 14.56 -5.35 -17.92
C GLN C 93 15.41 -4.94 -16.70
N PHE C 94 14.86 -4.06 -15.87
CA PHE C 94 15.55 -3.55 -14.67
C PHE C 94 15.88 -4.72 -13.74
N PHE C 95 14.88 -5.55 -13.46
CA PHE C 95 15.14 -6.68 -12.56
C PHE C 95 16.06 -7.68 -13.20
N ASP C 96 15.87 -7.91 -14.50
CA ASP C 96 16.74 -8.85 -15.23
C ASP C 96 18.20 -8.36 -15.20
N GLU C 97 18.43 -7.06 -15.34
CA GLU C 97 19.82 -6.52 -15.36
C GLU C 97 20.57 -6.72 -14.04
N HIS C 98 19.80 -6.91 -12.97
CA HIS C 98 20.32 -7.08 -11.63
C HIS C 98 20.26 -8.53 -11.20
N GLN C 99 19.94 -9.41 -12.15
CA GLN C 99 19.77 -10.84 -11.92
C GLN C 99 18.89 -11.15 -10.72
N ALA C 100 17.80 -10.37 -10.64
CA ALA C 100 16.88 -10.35 -9.51
C ALA C 100 15.55 -11.01 -9.89
N THR C 101 15.09 -11.93 -9.06
CA THR C 101 13.74 -12.48 -9.09
C THR C 101 12.72 -11.34 -8.97
N TYR C 102 11.59 -11.43 -9.69
CA TYR C 102 10.59 -10.34 -9.61
C TYR C 102 9.90 -10.32 -8.26
N PRO C 103 9.72 -9.13 -7.69
CA PRO C 103 8.96 -9.06 -6.43
C PRO C 103 7.49 -9.27 -6.62
N THR C 104 6.75 -9.38 -5.51
CA THR C 104 5.30 -9.21 -5.58
C THR C 104 5.01 -7.76 -5.96
N ARG C 105 3.83 -7.51 -6.51
CA ARG C 105 3.52 -6.21 -7.04
C ARG C 105 2.01 -6.01 -7.02
N SER C 106 1.63 -4.76 -6.82
CA SER C 106 0.29 -4.25 -7.11
C SER C 106 0.45 -3.11 -8.09
N CYS C 107 -0.52 -2.94 -8.99
CA CYS C 107 -0.48 -1.86 -10.00
C CYS C 107 -1.89 -1.33 -10.21
N VAL C 108 -2.04 -0.01 -10.09
CA VAL C 108 -3.32 0.61 -10.22
C VAL C 108 -3.16 1.90 -10.98
N GLN C 109 -4.21 2.33 -11.70
CA GLN C 109 -4.22 3.63 -12.32
C GLN C 109 -4.93 4.60 -11.39
N VAL C 110 -4.17 5.57 -10.87
CA VAL C 110 -4.72 6.64 -10.03
C VAL C 110 -5.14 7.81 -10.89
N ALA C 111 -5.79 8.79 -10.28
CA ALA C 111 -6.19 9.97 -10.99
C ALA C 111 -5.04 10.92 -11.37
N ARG C 112 -4.15 11.18 -10.42
CA ARG C 112 -3.05 12.13 -10.57
C ARG C 112 -1.95 11.80 -9.55
N LEU C 113 -0.73 12.19 -9.88
CA LEU C 113 0.43 11.99 -9.01
C LEU C 113 1.18 13.31 -8.78
N PRO C 114 1.96 13.37 -7.69
CA PRO C 114 2.76 14.59 -7.45
C PRO C 114 3.55 15.03 -8.67
N LYS C 115 3.58 16.34 -8.91
CA LYS C 115 4.34 16.93 -10.03
C LYS C 115 3.89 16.44 -11.40
N ASP C 116 2.68 15.88 -11.45
CA ASP C 116 2.06 15.40 -12.66
C ASP C 116 2.86 14.32 -13.42
N VAL C 117 3.67 13.56 -12.65
CA VAL C 117 4.44 12.45 -13.23
C VAL C 117 3.52 11.30 -13.66
N LYS C 118 4.05 10.37 -14.46
CA LYS C 118 3.23 9.29 -15.01
C LYS C 118 3.20 8.04 -14.12
N LEU C 119 4.10 7.98 -13.15
CA LEU C 119 4.13 6.85 -12.22
C LEU C 119 4.84 7.20 -10.93
N GLU C 120 4.54 6.42 -9.90
CA GLU C 120 5.18 6.49 -8.58
C GLU C 120 5.35 5.06 -8.11
N ILE C 121 6.52 4.72 -7.59
CA ILE C 121 6.83 3.33 -7.20
C ILE C 121 7.37 3.28 -5.78
N GLU C 122 6.72 2.51 -4.91
CA GLU C 122 7.25 2.27 -3.56
C GLU C 122 7.71 0.83 -3.45
N ALA C 123 8.65 0.59 -2.55
CA ALA C 123 9.21 -0.74 -2.37
C ALA C 123 9.37 -1.13 -0.92
N ILE C 124 9.41 -2.44 -0.70
CA ILE C 124 9.75 -3.03 0.59
C ILE C 124 10.82 -4.09 0.25
N ALA C 125 11.93 -4.06 0.97
CA ALA C 125 13.01 -5.02 0.75
C ALA C 125 13.29 -5.69 2.09
N VAL C 126 13.88 -6.89 2.02
CA VAL C 126 14.21 -7.66 3.21
C VAL C 126 15.69 -7.95 3.27
N ARG C 127 16.21 -7.89 4.49
CA ARG C 127 17.58 -8.30 4.76
C ARG C 127 17.48 -9.68 5.34
N SER C 128 18.10 -10.63 4.65
CA SER C 128 18.31 -12.00 5.18
C SER C 128 19.63 -12.07 5.95
#